data_5OVV
#
_entry.id   5OVV
#
_cell.length_a   56.570
_cell.length_b   85.910
_cell.length_c   46.060
_cell.angle_alpha   90.00
_cell.angle_beta   90.00
_cell.angle_gamma   90.00
#
_symmetry.space_group_name_H-M   'C 2 2 21'
#
loop_
_entity.id
_entity.type
_entity.pdbx_description
1 polymer 'SH3 and multiple ankyrin repeat domains protein 3'
2 polymer 'Leucine zipper putative tumor suppressor 3'
3 non-polymer 'THIOCYANATE ION'
4 water water
#
loop_
_entity_poly.entity_id
_entity_poly.type
_entity_poly.pdbx_seq_one_letter_code
_entity_poly.pdbx_strand_id
1 'polypeptide(L)'
;MGPHHHHHHLESTSLYKKAGSENLYFQSVAILQKRDHEGFGFVLRGAKAETPIEEFTPTPAFPALQYLESVDVEGVAWKA
GLRTGDFLIEVNGVNVVKVGHKQVVGLIRQGGNRLVMKVVSVT
;
A
2 'polypeptide(L)' (ACE)IESTEI B
#
loop_
_chem_comp.id
_chem_comp.type
_chem_comp.name
_chem_comp.formula
ACE non-polymer 'ACETYL GROUP' 'C2 H4 O'
SCN non-polymer 'THIOCYANATE ION' 'C N S -1'
#
# COMPACT_ATOMS: atom_id res chain seq x y z
N TYR A 25 11.96 -3.08 -9.86
CA TYR A 25 10.71 -2.37 -9.66
C TYR A 25 10.91 -0.91 -10.04
N PHE A 26 9.82 -0.27 -10.47
CA PHE A 26 9.82 1.12 -10.87
C PHE A 26 8.81 1.90 -10.05
N GLN A 27 9.19 3.12 -9.66
CA GLN A 27 8.34 3.90 -8.78
C GLN A 27 7.22 4.57 -9.56
N SER A 28 6.04 4.62 -8.94
CA SER A 28 4.99 5.49 -9.45
C SER A 28 4.20 6.07 -8.30
N VAL A 29 3.54 7.19 -8.60
N VAL A 29 3.54 7.18 -8.58
CA VAL A 29 2.65 7.84 -7.65
CA VAL A 29 2.68 7.82 -7.60
C VAL A 29 1.22 7.68 -8.15
C VAL A 29 1.25 7.84 -8.11
N ALA A 30 0.30 7.56 -7.21
CA ALA A 30 -1.11 7.54 -7.51
C ALA A 30 -1.82 8.35 -6.45
N ILE A 31 -2.77 9.15 -6.88
CA ILE A 31 -3.63 9.88 -5.97
C ILE A 31 -5.04 9.34 -6.14
N LEU A 32 -5.55 8.71 -5.08
CA LEU A 32 -6.87 8.10 -5.08
C LEU A 32 -7.85 9.00 -4.36
N GLN A 33 -9.01 9.22 -4.98
CA GLN A 33 -10.09 9.99 -4.37
C GLN A 33 -11.36 9.16 -4.48
N LYS A 34 -12.03 8.96 -3.35
CA LYS A 34 -13.20 8.09 -3.29
C LYS A 34 -14.33 8.81 -2.56
N ARG A 35 -15.51 8.20 -2.60
CA ARG A 35 -16.66 8.66 -1.83
C ARG A 35 -16.64 8.03 -0.44
N ASP A 36 -17.39 8.66 0.47
CA ASP A 36 -17.39 8.26 1.88
C ASP A 36 -17.52 6.75 2.06
N HIS A 37 -18.50 6.14 1.39
CA HIS A 37 -18.89 4.78 1.71
C HIS A 37 -18.31 3.73 0.80
N GLU A 38 -17.47 4.11 -0.15
CA GLU A 38 -16.76 3.10 -0.90
C GLU A 38 -15.35 2.95 -0.35
N GLY A 39 -14.67 1.91 -0.83
CA GLY A 39 -13.28 1.72 -0.51
C GLY A 39 -12.42 2.24 -1.65
N PHE A 40 -11.12 2.15 -1.44
CA PHE A 40 -10.18 2.48 -2.51
C PHE A 40 -9.99 1.32 -3.47
N GLY A 41 -10.42 0.12 -3.13
CA GLY A 41 -10.43 -0.97 -4.09
C GLY A 41 -9.15 -1.77 -4.19
N PHE A 42 -8.50 -2.04 -3.06
CA PHE A 42 -7.37 -2.95 -3.06
C PHE A 42 -7.28 -3.67 -1.73
N VAL A 43 -6.56 -4.79 -1.72
CA VAL A 43 -6.27 -5.51 -0.50
C VAL A 43 -4.77 -5.39 -0.24
N LEU A 44 -4.43 -4.94 0.95
CA LEU A 44 -3.05 -4.78 1.35
C LEU A 44 -2.62 -6.02 2.12
N ARG A 45 -1.37 -6.44 1.92
CA ARG A 45 -0.84 -7.65 2.57
C ARG A 45 0.60 -7.44 3.02
N GLY A 46 0.93 -7.97 4.20
CA GLY A 46 2.29 -7.93 4.68
C GLY A 46 2.37 -8.20 6.19
N ALA A 47 3.61 -8.23 6.66
CA ALA A 47 3.89 -8.65 8.03
C ALA A 47 3.36 -7.66 9.06
N LYS A 48 2.82 -8.21 10.15
CA LYS A 48 2.40 -7.44 11.31
C LYS A 48 3.63 -7.00 12.11
N ALA A 49 3.43 -5.96 12.92
CA ALA A 49 4.52 -5.41 13.72
C ALA A 49 5.06 -6.39 14.75
N GLU A 50 4.36 -7.49 15.04
CA GLU A 50 4.88 -8.52 15.95
C GLU A 50 6.02 -9.32 15.32
N THR A 51 6.19 -9.30 14.00
CA THR A 51 7.42 -9.85 13.44
C THR A 51 8.55 -8.84 13.65
N PRO A 52 9.81 -9.28 13.52
CA PRO A 52 10.92 -8.33 13.81
C PRO A 52 11.17 -7.38 12.65
N ILE A 53 10.30 -6.38 12.56
CA ILE A 53 10.39 -5.42 11.47
C ILE A 53 11.64 -4.57 11.61
N GLU A 54 12.20 -4.50 12.83
CA GLU A 54 13.47 -3.80 13.02
C GLU A 54 14.60 -4.46 12.24
N GLU A 55 14.45 -5.74 11.89
CA GLU A 55 15.46 -6.49 11.17
C GLU A 55 15.23 -6.54 9.67
N PHE A 56 14.10 -6.01 9.18
CA PHE A 56 13.78 -6.10 7.76
C PHE A 56 14.80 -5.31 6.96
N THR A 57 15.37 -5.97 5.96
CA THR A 57 16.34 -5.34 5.06
C THR A 57 15.73 -5.32 3.68
N PRO A 58 15.33 -4.16 3.16
CA PRO A 58 14.76 -4.13 1.81
C PRO A 58 15.78 -4.62 0.80
N THR A 59 15.30 -5.32 -0.21
CA THR A 59 16.09 -5.77 -1.34
C THR A 59 15.32 -5.41 -2.60
N PRO A 60 15.99 -5.38 -3.75
CA PRO A 60 15.27 -5.10 -5.00
C PRO A 60 14.06 -5.99 -5.19
N ALA A 61 14.15 -7.26 -4.82
CA ALA A 61 13.06 -8.20 -5.05
C ALA A 61 11.95 -8.09 -4.04
N PHE A 62 12.24 -7.61 -2.82
N PHE A 62 12.23 -7.48 -2.89
CA PHE A 62 11.24 -7.44 -1.76
CA PHE A 62 11.31 -7.44 -1.76
C PHE A 62 11.58 -6.10 -1.11
C PHE A 62 11.54 -6.10 -1.06
N PRO A 63 11.15 -4.99 -1.70
CA PRO A 63 11.60 -3.67 -1.27
C PRO A 63 10.84 -3.00 -0.13
N ALA A 64 9.74 -3.58 0.35
CA ALA A 64 8.94 -2.97 1.40
C ALA A 64 8.11 -4.07 2.03
N LEU A 65 7.64 -3.81 3.25
CA LEU A 65 6.92 -4.85 3.98
C LEU A 65 5.53 -5.09 3.44
N GLN A 66 4.84 -4.05 2.95
CA GLN A 66 3.46 -4.19 2.55
C GLN A 66 3.31 -4.06 1.03
N TYR A 67 2.41 -4.88 0.48
CA TYR A 67 2.19 -4.90 -0.96
C TYR A 67 0.73 -5.21 -1.27
N LEU A 68 0.38 -5.07 -2.55
CA LEU A 68 -1.00 -5.21 -2.99
C LEU A 68 -1.26 -6.67 -3.32
N GLU A 69 -2.13 -7.28 -2.51
CA GLU A 69 -2.58 -8.64 -2.76
C GLU A 69 -3.56 -8.72 -3.92
N SER A 70 -4.41 -7.71 -4.07
CA SER A 70 -5.36 -7.65 -5.18
C SER A 70 -5.77 -6.20 -5.39
N VAL A 71 -6.27 -5.92 -6.59
CA VAL A 71 -6.80 -4.60 -6.94
C VAL A 71 -8.12 -4.80 -7.67
N ASP A 72 -9.19 -4.20 -7.15
CA ASP A 72 -10.53 -4.36 -7.70
C ASP A 72 -10.61 -3.74 -9.09
N VAL A 73 -10.94 -4.56 -10.11
CA VAL A 73 -10.93 -4.04 -11.48
C VAL A 73 -11.97 -2.95 -11.67
N GLU A 74 -12.96 -2.87 -10.78
CA GLU A 74 -14.01 -1.86 -10.87
C GLU A 74 -13.71 -0.60 -10.08
N GLY A 75 -12.57 -0.50 -9.41
CA GLY A 75 -12.37 0.44 -8.34
C GLY A 75 -11.41 1.57 -8.66
N VAL A 76 -11.25 2.42 -7.65
CA VAL A 76 -10.48 3.64 -7.76
C VAL A 76 -9.00 3.33 -7.98
N ALA A 77 -8.47 2.36 -7.25
CA ALA A 77 -7.05 2.07 -7.36
C ALA A 77 -6.70 1.51 -8.74
N TRP A 78 -7.55 0.65 -9.29
CA TRP A 78 -7.33 0.15 -10.65
C TRP A 78 -7.25 1.29 -11.66
N LYS A 79 -8.15 2.26 -11.55
CA LYS A 79 -8.16 3.38 -12.48
C LYS A 79 -6.93 4.25 -12.33
N ALA A 80 -6.29 4.24 -11.17
CA ALA A 80 -5.06 5.00 -10.95
C ALA A 80 -3.83 4.25 -11.39
N GLY A 81 -3.99 3.04 -11.93
CA GLY A 81 -2.89 2.25 -12.45
C GLY A 81 -2.24 1.28 -11.49
N LEU A 82 -2.80 1.08 -10.28
CA LEU A 82 -2.23 0.13 -9.34
C LEU A 82 -2.63 -1.28 -9.72
N ARG A 83 -1.73 -2.24 -9.42
CA ARG A 83 -1.91 -3.64 -9.77
C ARG A 83 -1.38 -4.52 -8.63
N THR A 84 -1.90 -5.73 -8.57
CA THR A 84 -1.36 -6.78 -7.70
C THR A 84 0.14 -6.85 -7.81
N GLY A 85 0.81 -6.92 -6.68
CA GLY A 85 2.25 -7.04 -6.64
C GLY A 85 2.98 -5.77 -6.33
N ASP A 86 2.31 -4.62 -6.49
CA ASP A 86 2.94 -3.33 -6.21
C ASP A 86 3.26 -3.24 -4.71
N PHE A 87 4.46 -2.73 -4.41
CA PHE A 87 4.93 -2.55 -3.04
C PHE A 87 4.69 -1.13 -2.60
N LEU A 88 4.13 -0.96 -1.40
N LEU A 88 4.21 -0.95 -1.36
CA LEU A 88 3.86 0.38 -0.88
CA LEU A 88 3.82 0.38 -0.89
C LEU A 88 5.11 0.97 -0.27
C LEU A 88 4.99 1.05 -0.16
N ILE A 89 5.44 2.20 -0.69
CA ILE A 89 6.60 2.92 -0.19
C ILE A 89 6.21 4.09 0.69
N GLU A 90 5.16 4.83 0.32
CA GLU A 90 4.74 6.02 1.04
C GLU A 90 3.23 6.13 1.05
N VAL A 91 2.69 6.58 2.18
CA VAL A 91 1.27 6.87 2.35
C VAL A 91 1.16 8.31 2.86
N ASN A 92 0.57 9.19 2.07
CA ASN A 92 0.37 10.58 2.44
C ASN A 92 1.64 11.20 3.05
N GLY A 93 2.77 10.94 2.41
CA GLY A 93 4.02 11.56 2.81
C GLY A 93 4.82 10.81 3.84
N VAL A 94 4.30 9.69 4.34
CA VAL A 94 4.96 8.92 5.39
C VAL A 94 5.51 7.66 4.77
N ASN A 95 6.81 7.45 4.93
CA ASN A 95 7.43 6.25 4.40
C ASN A 95 6.97 5.05 5.22
N VAL A 96 6.56 4.00 4.52
CA VAL A 96 6.04 2.81 5.18
C VAL A 96 6.83 1.54 4.81
N VAL A 97 8.03 1.69 4.23
CA VAL A 97 8.83 0.53 3.83
C VAL A 97 8.99 -0.46 4.98
N LYS A 98 9.27 0.05 6.19
CA LYS A 98 9.57 -0.75 7.39
C LYS A 98 8.52 -0.54 8.46
N VAL A 99 7.26 -0.48 8.05
CA VAL A 99 6.15 -0.26 8.97
C VAL A 99 5.22 -1.46 8.93
N GLY A 100 4.76 -1.84 10.12
CA GLY A 100 3.91 -3.00 10.28
C GLY A 100 2.52 -2.82 9.72
N HIS A 101 1.88 -3.97 9.47
CA HIS A 101 0.65 -4.02 8.70
C HIS A 101 -0.45 -3.14 9.30
N LYS A 102 -0.80 -3.35 10.56
CA LYS A 102 -1.93 -2.62 11.11
C LYS A 102 -1.66 -1.12 11.15
N GLN A 103 -0.41 -0.75 11.39
CA GLN A 103 -0.03 0.65 11.42
C GLN A 103 -0.19 1.30 10.05
N VAL A 104 0.21 0.61 8.97
CA VAL A 104 0.00 1.15 7.63
C VAL A 104 -1.49 1.29 7.33
N VAL A 105 -2.28 0.28 7.67
CA VAL A 105 -3.72 0.39 7.48
C VAL A 105 -4.26 1.63 8.19
N GLY A 106 -3.80 1.89 9.41
CA GLY A 106 -4.25 3.08 10.12
C GLY A 106 -3.87 4.36 9.41
N LEU A 107 -2.66 4.43 8.88
CA LEU A 107 -2.25 5.62 8.14
C LEU A 107 -3.13 5.85 6.92
N ILE A 108 -3.52 4.77 6.22
CA ILE A 108 -4.42 4.89 5.08
C ILE A 108 -5.79 5.37 5.53
N ARG A 109 -6.32 4.77 6.60
N ARG A 109 -6.32 4.74 6.58
CA ARG A 109 -7.67 5.12 7.04
CA ARG A 109 -7.64 5.08 7.09
C ARG A 109 -7.76 6.54 7.58
C ARG A 109 -7.72 6.55 7.51
N GLN A 110 -6.68 7.05 8.15
CA GLN A 110 -6.74 8.42 8.68
C GLN A 110 -6.87 9.47 7.58
N GLY A 111 -6.44 9.16 6.34
CA GLY A 111 -6.59 10.07 5.22
C GLY A 111 -7.99 10.20 4.68
N GLY A 112 -8.91 9.37 5.17
CA GLY A 112 -10.29 9.52 4.76
C GLY A 112 -10.53 9.17 3.31
N ASN A 113 -11.04 10.13 2.53
CA ASN A 113 -11.40 9.86 1.14
C ASN A 113 -10.28 10.14 0.15
N ARG A 114 -9.11 10.54 0.59
CA ARG A 114 -7.98 10.77 -0.31
C ARG A 114 -6.76 10.02 0.18
N LEU A 115 -6.05 9.43 -0.78
CA LEU A 115 -4.85 8.67 -0.49
C LEU A 115 -3.83 9.02 -1.56
N VAL A 116 -2.71 9.61 -1.14
CA VAL A 116 -1.57 9.80 -2.02
C VAL A 116 -0.61 8.67 -1.71
N MET A 117 -0.34 7.79 -2.67
N MET A 117 -0.39 7.78 -2.67
CA MET A 117 0.45 6.59 -2.44
CA MET A 117 0.48 6.63 -2.47
C MET A 117 1.57 6.44 -3.46
C MET A 117 1.65 6.71 -3.44
N LYS A 118 2.79 6.25 -2.97
CA LYS A 118 3.94 5.92 -3.82
C LYS A 118 4.19 4.44 -3.69
N VAL A 119 4.33 3.76 -4.83
CA VAL A 119 4.55 2.33 -4.88
C VAL A 119 5.72 2.05 -5.81
N VAL A 120 6.23 0.83 -5.74
CA VAL A 120 7.15 0.34 -6.75
C VAL A 120 6.52 -0.89 -7.39
N SER A 121 6.68 -1.02 -8.70
CA SER A 121 5.89 -1.94 -9.49
C SER A 121 6.78 -2.59 -10.53
N VAL A 122 6.37 -3.78 -10.98
CA VAL A 122 7.08 -4.46 -12.08
C VAL A 122 6.96 -3.73 -13.40
N THR A 123 5.97 -2.85 -13.56
CA THR A 123 5.80 -2.07 -14.78
C THR A 123 5.68 -0.60 -14.43
C ACE B 1 2.15 -12.23 9.63
O ACE B 1 2.14 -11.02 9.81
CH3 ACE B 1 2.56 -13.20 10.72
N ILE B 2 1.80 -12.77 8.47
CA ILE B 2 1.39 -11.96 7.31
C ILE B 2 -0.11 -11.77 7.37
N GLU B 3 -0.56 -10.52 7.37
CA GLU B 3 -1.96 -10.17 7.47
C GLU B 3 -2.42 -9.57 6.15
N SER B 4 -3.74 -9.53 5.94
CA SER B 4 -4.29 -8.90 4.76
C SER B 4 -5.57 -8.15 5.12
N THR B 5 -5.75 -6.98 4.52
CA THR B 5 -6.85 -6.11 4.86
C THR B 5 -7.43 -5.46 3.61
N GLU B 6 -8.75 -5.48 3.45
CA GLU B 6 -9.39 -4.79 2.33
C GLU B 6 -9.48 -3.30 2.64
N ILE B 7 -9.07 -2.49 1.68
CA ILE B 7 -8.97 -1.04 1.79
C ILE B 7 -9.84 -0.38 0.72
S SCN C . -2.52 -7.40 -13.14
C SCN C . -3.52 -7.36 -11.69
N SCN C . -3.93 -7.13 -10.63
S SCN D . 1.69 -18.95 2.28
S SCN D . 1.97 -19.28 2.05
C SCN D . 0.19 -19.96 2.32
C SCN D . 0.29 -19.89 2.31
N SCN D . -0.81 -20.59 2.35
N SCN D . -0.82 -20.23 2.52
#